data_1T98
#
_entry.id   1T98
#
_cell.length_a   58.699
_cell.length_b   58.699
_cell.length_c   307.414
_cell.angle_alpha   90.00
_cell.angle_beta   90.00
_cell.angle_gamma   120.00
#
_symmetry.space_group_name_H-M   'P 61'
#
_entity_poly.entity_id   1
_entity_poly.type   'polypeptide(L)'
_entity_poly.pdbx_seq_one_letter_code
;MSEFSQTVPELVAWARKNDFSISLPVDRLSFLLAVATLNGERLDGE(MSE)SEGELVDAFRHVSDAFEQTSETIGVRANN
AIND(MSE)VRQRLLNRFTSEQAEGNAIYRLTPLGIGITDYYIRQREFSTLRLS(MSE)QLSIVAGELKRAADAAEEGGD
EFHWHRNVYAPLKYSVAEIFDSIDLTQRL(MSE)DEQQQQVKDDIAQLLNKDWRAAISSCELLLSETSGTLRELQDTLEA
AGDKLQANLLRIQDAT(MSE)THDDLHFVDRLVFDLQSKLDRIISWGQQSIDLWIGYDRHVHKFIRT
;
_entity_poly.pdbx_strand_id   A,B
#
# COMPACT_ATOMS: atom_id res chain seq x y z
N VAL A 8 22.47 -5.01 -12.01
CA VAL A 8 21.11 -4.39 -11.87
C VAL A 8 21.03 -2.87 -12.10
N PRO A 9 22.00 -2.28 -12.80
CA PRO A 9 21.84 -0.92 -13.34
C PRO A 9 21.19 -0.93 -14.73
N GLU A 10 20.53 -2.04 -15.06
CA GLU A 10 19.73 -2.16 -16.28
C GLU A 10 18.29 -1.73 -15.99
N LEU A 11 17.94 -1.73 -14.71
CA LEU A 11 16.77 -1.03 -14.21
C LEU A 11 16.85 0.44 -14.61
N VAL A 12 18.04 1.03 -14.46
CA VAL A 12 18.30 2.39 -14.88
C VAL A 12 18.12 2.53 -16.38
N ALA A 13 18.61 1.55 -17.14
CA ALA A 13 18.40 1.51 -18.57
C ALA A 13 16.90 1.40 -18.87
N TRP A 14 16.22 0.52 -18.15
CA TRP A 14 14.77 0.36 -18.27
C TRP A 14 13.98 1.62 -17.92
N ALA A 15 14.35 2.28 -16.83
CA ALA A 15 13.68 3.52 -16.43
C ALA A 15 13.97 4.61 -17.44
N ARG A 16 15.22 4.64 -17.90
CA ARG A 16 15.67 5.63 -18.88
C ARG A 16 14.90 5.50 -20.17
N LYS A 17 14.96 4.31 -20.77
CA LYS A 17 14.38 4.04 -22.07
C LYS A 17 12.85 4.21 -22.10
N ASN A 18 12.26 4.29 -20.91
CA ASN A 18 10.82 4.43 -20.79
C ASN A 18 10.35 5.79 -20.31
N ASP A 19 11.30 6.67 -19.98
CA ASP A 19 11.01 8.05 -19.59
C ASP A 19 10.00 8.11 -18.44
N PHE A 20 10.23 7.28 -17.42
CA PHE A 20 9.42 7.27 -16.21
C PHE A 20 9.75 8.50 -15.38
N SER A 21 8.75 9.07 -14.73
CA SER A 21 8.96 10.28 -13.94
C SER A 21 7.70 10.63 -13.17
N ILE A 22 7.86 11.41 -12.10
CA ILE A 22 6.71 11.99 -11.41
C ILE A 22 6.84 13.50 -11.23
N SER A 23 5.80 14.18 -11.70
CA SER A 23 5.83 15.61 -11.80
C SER A 23 4.54 16.12 -11.21
N LEU A 24 4.57 16.36 -9.89
CA LEU A 24 3.38 16.68 -9.12
C LEU A 24 3.53 17.93 -8.27
N PRO A 25 3.44 19.09 -8.92
CA PRO A 25 3.51 20.36 -8.20
C PRO A 25 2.27 20.54 -7.32
N VAL A 26 2.37 21.46 -6.38
CA VAL A 26 1.35 21.64 -5.36
C VAL A 26 -0.06 21.68 -5.96
N ASP A 27 -0.22 22.45 -7.03
CA ASP A 27 -1.53 22.52 -7.69
C ASP A 27 -2.00 21.20 -8.32
N ARG A 28 -1.09 20.43 -8.91
CA ARG A 28 -1.45 19.11 -9.44
C ARG A 28 -1.70 18.08 -8.32
N LEU A 29 -0.90 18.11 -7.26
CA LEU A 29 -1.08 17.20 -6.12
C LEU A 29 -2.38 17.47 -5.37
N SER A 30 -2.64 18.74 -5.09
CA SER A 30 -3.89 19.16 -4.46
C SER A 30 -5.03 18.54 -5.20
N PHE A 31 -4.95 18.59 -6.53
CA PHE A 31 -5.98 18.04 -7.38
C PHE A 31 -6.07 16.52 -7.19
N LEU A 32 -4.91 15.90 -7.02
CA LEU A 32 -4.81 14.46 -6.92
C LEU A 32 -5.41 14.00 -5.60
N LEU A 33 -4.99 14.64 -4.52
CA LEU A 33 -5.65 14.53 -3.22
C LEU A 33 -7.15 14.77 -3.30
N ALA A 34 -7.57 15.85 -3.98
CA ALA A 34 -8.98 16.11 -4.26
C ALA A 34 -9.67 14.89 -4.86
N VAL A 35 -9.14 14.41 -5.98
CA VAL A 35 -9.66 13.22 -6.65
C VAL A 35 -9.76 12.07 -5.66
N ALA A 36 -8.66 11.81 -4.95
CA ALA A 36 -8.61 10.80 -3.89
C ALA A 36 -9.77 10.86 -2.89
N THR A 37 -10.22 12.05 -2.50
CA THR A 37 -11.29 12.15 -1.52
C THR A 37 -12.69 11.97 -2.11
N LEU A 38 -12.82 12.21 -3.42
CA LEU A 38 -13.98 11.71 -4.15
C LEU A 38 -14.01 10.21 -3.99
N ASN A 39 -12.93 9.58 -4.45
CA ASN A 39 -12.78 8.12 -4.46
C ASN A 39 -13.14 7.41 -3.15
N GLY A 40 -12.65 7.94 -2.02
CA GLY A 40 -12.86 7.29 -0.74
C GLY A 40 -14.27 7.47 -0.20
N GLU A 41 -14.89 8.58 -0.57
CA GLU A 41 -16.23 8.94 -0.08
C GLU A 41 -17.24 8.90 -1.23
N ARG A 42 -17.73 7.69 -1.53
CA ARG A 42 -18.36 7.39 -2.79
C ARG A 42 -19.58 6.50 -2.60
N LEU A 43 -20.72 6.95 -3.09
CA LEU A 43 -21.96 6.18 -2.99
C LEU A 43 -22.06 5.17 -4.14
N ASP A 44 -23.09 5.33 -4.98
CA ASP A 44 -23.27 4.51 -6.18
C ASP A 44 -22.48 5.12 -7.35
N GLY A 45 -21.71 4.26 -8.02
CA GLY A 45 -20.99 4.64 -9.21
C GLY A 45 -19.49 4.74 -9.03
N GLU A 46 -18.78 4.91 -10.14
CA GLU A 46 -17.35 5.19 -10.15
C GLU A 46 -17.13 6.70 -10.29
N MSE A 47 -15.99 7.09 -10.85
CA MSE A 47 -15.67 8.51 -11.04
C MSE A 47 -15.76 8.94 -12.49
O MSE A 47 -14.92 8.57 -13.32
CB MSE A 47 -14.28 8.82 -10.48
CG MSE A 47 -14.27 9.77 -9.31
SE MSE A 47 -12.61 9.64 -8.26
CE MSE A 47 -11.54 8.53 -9.47
N SER A 48 -16.78 9.74 -12.82
CA SER A 48 -16.96 10.24 -14.19
C SER A 48 -16.08 11.44 -14.46
N GLU A 49 -15.96 11.82 -15.73
CA GLU A 49 -15.13 12.94 -16.11
C GLU A 49 -15.72 14.25 -15.58
N GLY A 50 -17.03 14.22 -15.35
CA GLY A 50 -17.76 15.34 -14.78
C GLY A 50 -17.38 15.64 -13.35
N GLU A 51 -17.46 14.64 -12.47
CA GLU A 51 -16.99 14.80 -11.10
C GLU A 51 -15.56 15.32 -11.02
N LEU A 52 -14.68 14.79 -11.86
CA LEU A 52 -13.27 15.16 -11.79
C LEU A 52 -13.04 16.60 -12.22
N VAL A 53 -13.90 17.09 -13.11
CA VAL A 53 -13.81 18.46 -13.58
C VAL A 53 -14.33 19.42 -12.51
N ASP A 54 -15.40 19.04 -11.82
CA ASP A 54 -15.88 19.85 -10.68
C ASP A 54 -14.83 19.86 -9.56
N ALA A 55 -14.15 18.72 -9.36
CA ALA A 55 -13.00 18.67 -8.46
C ALA A 55 -11.95 19.70 -8.84
N PHE A 56 -11.56 19.70 -10.11
CA PHE A 56 -10.54 20.62 -10.60
C PHE A 56 -10.92 22.08 -10.37
N ARG A 57 -12.19 22.40 -10.59
CA ARG A 57 -12.74 23.72 -10.35
C ARG A 57 -12.34 24.30 -9.00
N HIS A 58 -12.56 23.53 -7.94
CA HIS A 58 -12.33 24.02 -6.59
C HIS A 58 -10.85 24.28 -6.37
N VAL A 59 -9.99 23.40 -6.88
CA VAL A 59 -8.56 23.63 -6.77
C VAL A 59 -8.09 24.84 -7.58
N SER A 60 -8.73 25.07 -8.71
CA SER A 60 -8.48 26.26 -9.51
C SER A 60 -8.93 27.53 -8.78
N ASP A 61 -10.13 27.49 -8.20
CA ASP A 61 -10.67 28.57 -7.36
C ASP A 61 -9.70 28.92 -6.25
N ALA A 62 -9.31 27.91 -5.47
CA ALA A 62 -8.47 28.08 -4.30
C ALA A 62 -7.03 28.49 -4.63
N PHE A 63 -6.62 28.25 -5.87
CA PHE A 63 -5.30 28.68 -6.33
C PHE A 63 -5.40 29.99 -7.14
N GLU A 64 -6.51 30.71 -6.97
CA GLU A 64 -6.81 31.92 -7.75
C GLU A 64 -6.40 31.83 -9.22
N GLN A 65 -6.81 30.75 -9.87
CA GLN A 65 -6.45 30.50 -11.26
C GLN A 65 -7.54 31.04 -12.19
N THR A 66 -7.17 31.34 -13.44
CA THR A 66 -8.08 31.94 -14.42
C THR A 66 -9.34 31.11 -14.68
N SER A 67 -10.50 31.72 -14.48
CA SER A 67 -11.75 30.97 -14.50
C SER A 67 -12.29 30.64 -15.91
N GLU A 68 -11.95 31.47 -16.90
CA GLU A 68 -12.41 31.29 -18.27
C GLU A 68 -11.81 30.06 -18.96
N THR A 69 -10.59 29.69 -18.57
CA THR A 69 -9.87 28.55 -19.15
C THR A 69 -10.13 27.21 -18.46
N ILE A 70 -10.83 27.22 -17.33
CA ILE A 70 -10.95 26.03 -16.47
C ILE A 70 -11.17 24.72 -17.24
N GLY A 71 -12.13 24.73 -18.16
CA GLY A 71 -12.45 23.54 -18.92
C GLY A 71 -11.23 22.91 -19.56
N VAL A 72 -10.42 23.74 -20.23
CA VAL A 72 -9.26 23.29 -20.99
C VAL A 72 -8.20 22.75 -20.05
N ARG A 73 -7.84 23.55 -19.06
CA ARG A 73 -6.78 23.19 -18.12
C ARG A 73 -7.09 21.91 -17.31
N ALA A 74 -8.38 21.66 -17.09
CA ALA A 74 -8.82 20.42 -16.45
C ALA A 74 -8.57 19.20 -17.33
N ASN A 75 -8.91 19.31 -18.62
CA ASN A 75 -8.63 18.24 -19.57
C ASN A 75 -7.14 17.93 -19.65
N ASN A 76 -6.33 18.99 -19.68
CA ASN A 76 -4.89 18.87 -19.60
C ASN A 76 -4.44 18.19 -18.30
N ALA A 77 -4.88 18.70 -17.15
CA ALA A 77 -4.52 18.11 -15.86
C ALA A 77 -4.92 16.63 -15.77
N ILE A 78 -6.19 16.33 -16.01
CA ILE A 78 -6.65 14.93 -16.06
C ILE A 78 -5.81 14.11 -17.03
N ASN A 79 -5.55 14.64 -18.23
CA ASN A 79 -4.75 13.93 -19.24
C ASN A 79 -3.37 13.56 -18.71
N ASP A 80 -2.76 14.52 -17.99
CA ASP A 80 -1.39 14.43 -17.51
C ASP A 80 -1.28 13.44 -16.33
N MSE A 81 -2.39 13.27 -15.61
CA MSE A 81 -2.50 12.22 -14.60
C MSE A 81 -2.42 10.83 -15.22
O MSE A 81 -1.72 9.97 -14.71
CB MSE A 81 -3.80 12.34 -13.79
CG MSE A 81 -4.05 13.69 -13.17
SE MSE A 81 -2.97 14.02 -11.59
CE MSE A 81 -1.46 15.00 -12.40
N VAL A 82 -3.16 10.61 -16.31
CA VAL A 82 -3.16 9.31 -17.00
C VAL A 82 -1.77 9.01 -17.57
N ARG A 83 -1.24 9.95 -18.35
CA ARG A 83 0.13 9.87 -18.86
C ARG A 83 1.04 9.36 -17.75
N GLN A 84 1.00 10.03 -16.61
CA GLN A 84 1.86 9.74 -15.47
C GLN A 84 1.47 8.50 -14.68
N ARG A 85 0.29 7.96 -14.97
CA ARG A 85 -0.15 6.66 -14.46
C ARG A 85 -0.76 6.68 -13.07
N LEU A 86 -1.17 7.87 -12.62
CA LEU A 86 -1.99 8.06 -11.43
C LEU A 86 -3.42 7.58 -11.64
N LEU A 87 -3.83 7.57 -12.92
CA LEU A 87 -5.23 7.40 -13.28
C LEU A 87 -5.45 6.52 -14.55
N ASN A 88 -6.45 5.65 -14.48
CA ASN A 88 -6.88 4.87 -15.64
C ASN A 88 -8.16 5.45 -16.17
N ARG A 89 -8.15 5.79 -17.44
CA ARG A 89 -9.35 6.19 -18.15
C ARG A 89 -10.01 4.97 -18.78
N PHE A 90 -11.32 4.86 -18.60
CA PHE A 90 -12.11 3.84 -19.28
C PHE A 90 -13.22 4.50 -20.10
N THR A 91 -13.38 4.06 -21.34
CA THR A 91 -14.31 4.68 -22.27
C THR A 91 -15.78 4.33 -21.96
N ILE A 100 -15.58 5.85 -15.45
CA ILE A 100 -14.72 6.26 -16.55
C ILE A 100 -13.32 6.58 -16.04
N TYR A 101 -13.19 6.89 -14.74
CA TYR A 101 -11.87 7.13 -14.18
C TYR A 101 -11.60 6.39 -12.86
N ARG A 102 -10.47 5.71 -12.81
CA ARG A 102 -10.08 5.05 -11.59
C ARG A 102 -8.65 5.33 -11.20
N LEU A 103 -8.46 5.61 -9.91
CA LEU A 103 -7.14 5.82 -9.31
C LEU A 103 -6.35 4.52 -9.37
N THR A 104 -5.13 4.56 -9.90
CA THR A 104 -4.27 3.37 -9.99
C THR A 104 -3.62 3.07 -8.66
N PRO A 105 -2.94 1.92 -8.59
CA PRO A 105 -2.13 1.54 -7.42
C PRO A 105 -1.14 2.63 -7.06
N LEU A 106 -0.48 3.20 -8.06
CA LEU A 106 0.43 4.30 -7.78
C LEU A 106 -0.34 5.49 -7.19
N GLY A 107 -1.37 5.92 -7.92
CA GLY A 107 -2.21 6.99 -7.46
C GLY A 107 -2.63 6.77 -6.01
N ILE A 108 -3.00 5.54 -5.65
CA ILE A 108 -3.51 5.29 -4.31
C ILE A 108 -2.45 5.41 -3.22
N GLY A 109 -1.28 4.86 -3.47
CA GLY A 109 -0.20 4.93 -2.50
C GLY A 109 0.18 6.38 -2.23
N ILE A 110 0.52 7.11 -3.27
CA ILE A 110 0.89 8.49 -3.10
C ILE A 110 -0.17 9.20 -2.28
N THR A 111 -1.40 9.00 -2.68
CA THR A 111 -2.55 9.68 -2.09
C THR A 111 -2.77 9.33 -0.62
N ASP A 112 -2.75 8.05 -0.26
CA ASP A 112 -2.96 7.65 1.13
C ASP A 112 -1.89 8.24 2.02
N TYR A 113 -0.66 8.31 1.53
CA TYR A 113 0.40 8.87 2.33
C TYR A 113 -0.04 10.18 3.02
N TYR A 114 -0.70 11.06 2.28
CA TYR A 114 -1.07 12.38 2.77
C TYR A 114 -2.41 12.43 3.45
N ILE A 115 -3.27 11.46 3.17
CA ILE A 115 -4.69 11.65 3.42
C ILE A 115 -5.31 10.68 4.42
N ARG A 116 -4.88 9.43 4.40
CA ARG A 116 -5.48 8.44 5.28
C ARG A 116 -4.92 8.49 6.71
N GLN A 117 -5.80 8.24 7.68
CA GLN A 117 -5.49 8.28 9.10
C GLN A 117 -4.35 7.34 9.43
N ARG A 118 -3.48 7.79 10.31
CA ARG A 118 -2.43 6.94 10.83
C ARG A 118 -2.86 6.28 12.16
N GLU A 119 -3.04 4.97 12.12
CA GLU A 119 -3.47 4.23 13.30
C GLU A 119 -2.35 3.26 13.73
N PHE A 120 -1.82 3.48 14.93
CA PHE A 120 -0.77 2.62 15.48
C PHE A 120 -1.26 1.69 16.62
N SER A 121 -2.44 1.09 16.45
CA SER A 121 -3.00 0.16 17.43
C SER A 121 -2.21 -1.15 17.60
N THR A 122 -1.87 -1.48 18.84
CA THR A 122 -1.22 -2.75 19.13
C THR A 122 -2.11 -3.92 18.75
N LEU A 123 -3.42 -3.72 18.86
CA LEU A 123 -4.35 -4.82 18.69
C LEU A 123 -4.53 -5.13 17.20
N ARG A 124 -4.57 -4.08 16.40
CA ARG A 124 -4.43 -4.23 14.96
C ARG A 124 -3.27 -5.19 14.67
N LEU A 125 -2.11 -4.89 15.22
CA LEU A 125 -0.94 -5.66 14.94
C LEU A 125 -1.12 -7.11 15.37
N SER A 126 -1.72 -7.29 16.53
CA SER A 126 -1.87 -8.60 17.12
C SER A 126 -2.74 -9.52 16.27
N MSE A 127 -3.68 -8.93 15.56
CA MSE A 127 -4.60 -9.68 14.72
C MSE A 127 -4.00 -9.98 13.36
O MSE A 127 -4.30 -11.02 12.79
CB MSE A 127 -5.87 -8.90 14.55
CG MSE A 127 -6.41 -8.52 15.86
SE MSE A 127 -8.22 -8.04 15.74
CE MSE A 127 -7.92 -6.16 15.66
N GLN A 128 -3.19 -9.06 12.85
CA GLN A 128 -2.41 -9.33 11.66
C GLN A 128 -1.48 -10.50 11.94
N LEU A 129 -0.86 -10.48 13.11
CA LEU A 129 0.11 -11.52 13.43
C LEU A 129 -0.60 -12.85 13.56
N SER A 130 -1.83 -12.79 14.05
CA SER A 130 -2.58 -13.97 14.39
C SER A 130 -3.02 -14.67 13.11
N ILE A 131 -3.53 -13.91 12.16
CA ILE A 131 -4.01 -14.53 10.94
C ILE A 131 -2.88 -15.01 10.03
N VAL A 132 -1.75 -14.33 10.10
CA VAL A 132 -0.57 -14.81 9.41
C VAL A 132 -0.01 -16.08 10.06
N ALA A 133 -0.18 -16.23 11.38
CA ALA A 133 0.27 -17.44 12.05
C ALA A 133 -0.47 -18.68 11.53
N GLY A 134 -1.79 -18.59 11.40
CA GLY A 134 -2.60 -19.66 10.90
C GLY A 134 -2.36 -20.01 9.45
N GLU A 135 -2.23 -18.97 8.62
CA GLU A 135 -2.00 -19.16 7.18
C GLU A 135 -0.68 -19.90 6.97
N LEU A 136 0.29 -19.54 7.80
CA LEU A 136 1.63 -20.13 7.80
C LEU A 136 1.63 -21.54 8.34
N LYS A 137 0.78 -21.81 9.32
CA LYS A 137 0.65 -23.14 9.90
C LYS A 137 0.00 -24.09 8.90
N ARG A 138 -1.03 -23.61 8.22
CA ARG A 138 -1.73 -24.44 7.24
C ARG A 138 -0.87 -24.73 6.02
N ALA A 139 -0.10 -23.75 5.57
CA ALA A 139 0.77 -23.90 4.41
C ALA A 139 1.92 -24.86 4.73
N ALA A 140 2.35 -24.87 5.98
CA ALA A 140 3.38 -25.77 6.44
C ALA A 140 2.83 -27.19 6.52
N ASP A 141 1.60 -27.33 6.98
CA ASP A 141 0.86 -28.59 6.97
C ASP A 141 0.68 -29.10 5.55
N ALA A 142 0.26 -28.22 4.65
CA ALA A 142 0.03 -28.58 3.26
C ALA A 142 1.30 -29.05 2.56
N ALA A 143 2.40 -28.33 2.74
CA ALA A 143 3.68 -28.69 2.13
C ALA A 143 4.19 -30.05 2.60
N GLU A 144 4.20 -30.25 3.91
CA GLU A 144 4.66 -31.50 4.49
C GLU A 144 4.00 -32.71 3.80
N GLU A 145 2.68 -32.67 3.65
CA GLU A 145 1.97 -33.75 2.99
C GLU A 145 1.70 -33.41 1.54
N GLY A 146 2.70 -32.84 0.88
CA GLY A 146 2.48 -32.17 -0.39
C GLY A 146 1.92 -33.04 -1.49
N GLY A 147 0.63 -32.86 -1.82
CA GLY A 147 0.01 -33.45 -2.99
C GLY A 147 0.58 -33.03 -4.35
N ASP A 148 -0.29 -32.86 -5.34
CA ASP A 148 0.16 -32.53 -6.70
C ASP A 148 0.42 -31.05 -7.03
N GLU A 149 0.62 -30.76 -8.32
CA GLU A 149 0.94 -29.42 -8.79
C GLU A 149 -0.10 -28.36 -8.42
N PHE A 150 -1.38 -28.69 -8.61
CA PHE A 150 -2.48 -27.81 -8.17
C PHE A 150 -2.45 -27.64 -6.66
N HIS A 151 -2.07 -28.69 -5.95
CA HIS A 151 -2.04 -28.66 -4.50
C HIS A 151 -0.98 -27.69 -3.97
N TRP A 152 0.18 -27.68 -4.63
CA TRP A 152 1.28 -26.83 -4.23
C TRP A 152 1.01 -25.37 -4.55
N HIS A 153 0.49 -25.12 -5.75
CA HIS A 153 0.15 -23.75 -6.15
C HIS A 153 -0.90 -23.11 -5.23
N ARG A 154 -2.00 -23.82 -5.00
CA ARG A 154 -3.14 -23.27 -4.26
C ARG A 154 -3.02 -23.31 -2.73
N ASN A 155 -2.27 -24.28 -2.19
CA ASN A 155 -2.32 -24.46 -0.74
C ASN A 155 -1.11 -24.05 0.09
N VAL A 156 0.04 -23.90 -0.56
CA VAL A 156 1.22 -23.38 0.12
C VAL A 156 1.67 -22.01 -0.43
N TYR A 157 1.82 -21.94 -1.75
CA TYR A 157 2.28 -20.72 -2.38
C TYR A 157 1.20 -19.64 -2.33
N ALA A 158 -0.02 -19.96 -2.76
CA ALA A 158 -1.09 -18.98 -2.80
C ALA A 158 -1.32 -18.22 -1.49
N PRO A 159 -1.31 -18.89 -0.34
CA PRO A 159 -1.41 -18.21 0.95
C PRO A 159 -0.15 -17.40 1.30
N LEU A 160 1.02 -17.90 0.93
CA LEU A 160 2.27 -17.22 1.32
C LEU A 160 2.34 -15.84 0.67
N LYS A 161 2.18 -15.82 -0.64
CA LYS A 161 2.29 -14.60 -1.40
C LYS A 161 1.07 -13.71 -1.34
N TYR A 162 -0.13 -14.28 -1.40
CA TYR A 162 -1.31 -13.41 -1.54
C TYR A 162 -1.88 -12.99 -0.21
N SER A 163 -1.33 -13.58 0.85
CA SER A 163 -1.87 -13.33 2.16
C SER A 163 -0.78 -13.01 3.16
N VAL A 164 0.19 -13.91 3.33
CA VAL A 164 1.27 -13.63 4.26
C VAL A 164 2.17 -12.48 3.79
N ALA A 165 2.55 -12.49 2.52
CA ALA A 165 3.36 -11.40 1.97
C ALA A 165 2.67 -10.05 2.17
N GLU A 166 1.36 -10.01 1.92
CA GLU A 166 0.57 -8.79 2.06
C GLU A 166 0.51 -8.27 3.48
N ILE A 167 0.47 -9.16 4.46
CA ILE A 167 0.46 -8.68 5.83
C ILE A 167 1.86 -8.19 6.30
N PHE A 168 2.92 -8.87 5.90
CA PHE A 168 4.27 -8.38 6.18
C PHE A 168 4.46 -6.97 5.59
N ASP A 169 4.03 -6.77 4.34
CA ASP A 169 4.06 -5.43 3.73
C ASP A 169 3.41 -4.39 4.63
N SER A 170 2.23 -4.73 5.13
CA SER A 170 1.47 -3.79 5.93
C SER A 170 2.07 -3.55 7.33
N ILE A 171 2.80 -4.52 7.86
CA ILE A 171 3.48 -4.33 9.14
C ILE A 171 4.71 -3.45 8.92
N ASP A 172 5.48 -3.74 7.87
CA ASP A 172 6.58 -2.89 7.43
C ASP A 172 6.06 -1.45 7.20
N LEU A 173 4.88 -1.35 6.61
CA LEU A 173 4.31 -0.07 6.29
C LEU A 173 3.99 0.76 7.53
N THR A 174 3.48 0.13 8.57
CA THR A 174 3.21 0.93 9.76
C THR A 174 4.43 1.09 10.64
N GLN A 175 5.46 0.30 10.41
CA GLN A 175 6.75 0.58 11.03
C GLN A 175 7.34 1.88 10.46
N ARG A 176 7.17 2.10 9.16
CA ARG A 176 7.66 3.31 8.54
C ARG A 176 6.78 4.51 8.91
N LEU A 177 5.47 4.28 9.01
CA LEU A 177 4.60 5.35 9.50
C LEU A 177 5.11 5.81 10.85
N MSE A 178 5.44 4.84 11.70
CA MSE A 178 5.99 5.09 13.02
C MSE A 178 7.36 5.77 12.93
O MSE A 178 7.74 6.53 13.83
CB MSE A 178 6.10 3.74 13.75
CG MSE A 178 6.22 3.84 15.26
SE MSE A 178 4.76 4.84 16.14
CE MSE A 178 5.84 6.13 17.11
N ASP A 179 8.08 5.53 11.85
CA ASP A 179 9.42 6.09 11.69
C ASP A 179 9.32 7.61 11.63
N GLU A 180 8.28 8.10 10.96
CA GLU A 180 8.07 9.52 10.89
C GLU A 180 7.38 10.16 12.07
N GLN A 181 6.64 9.37 12.84
CA GLN A 181 6.21 9.86 14.15
C GLN A 181 7.42 10.08 15.05
N GLN A 182 8.30 9.08 15.10
CA GLN A 182 9.59 9.18 15.79
C GLN A 182 10.34 10.47 15.44
N GLN A 183 10.51 10.77 14.15
CA GLN A 183 11.39 11.86 13.73
C GLN A 183 10.74 13.18 14.02
N GLN A 184 9.43 13.24 13.79
CA GLN A 184 8.61 14.40 14.10
C GLN A 184 8.76 14.77 15.57
N VAL A 185 8.47 13.82 16.45
CA VAL A 185 8.63 14.03 17.88
C VAL A 185 10.05 14.53 18.16
N LYS A 186 11.05 13.83 17.68
CA LYS A 186 12.44 14.23 17.87
C LYS A 186 12.69 15.67 17.44
N ASP A 187 11.94 16.13 16.44
CA ASP A 187 12.02 17.52 15.99
C ASP A 187 11.32 18.45 16.98
N ASP A 188 10.09 18.11 17.33
CA ASP A 188 9.27 18.85 18.28
C ASP A 188 9.92 18.96 19.66
N ILE A 189 10.61 17.91 20.08
CA ILE A 189 11.35 17.93 21.34
C ILE A 189 12.55 18.86 21.24
N ALA A 190 13.17 18.91 20.07
CA ALA A 190 14.35 19.75 19.85
C ALA A 190 14.00 21.23 19.89
N GLN A 191 12.79 21.57 19.45
CA GLN A 191 12.35 22.96 19.40
C GLN A 191 11.85 23.42 20.77
N LEU A 192 11.17 22.53 21.48
CA LEU A 192 10.72 22.80 22.83
C LEU A 192 11.86 23.16 23.78
N LEU A 193 12.94 22.40 23.74
CA LEU A 193 14.03 22.61 24.68
C LEU A 193 15.05 23.66 24.20
N ASN A 194 14.71 24.35 23.12
CA ASN A 194 15.55 25.44 22.66
C ASN A 194 15.28 26.72 23.43
N LYS A 195 14.09 27.29 23.27
CA LYS A 195 13.76 28.55 23.94
C LYS A 195 14.10 28.51 25.43
N ASP A 196 13.74 27.41 26.10
CA ASP A 196 14.16 27.14 27.47
C ASP A 196 14.05 25.67 27.85
N TRP A 197 15.19 25.07 28.20
CA TRP A 197 15.27 23.64 28.53
C TRP A 197 14.55 23.26 29.83
N ARG A 198 14.78 24.02 30.90
CA ARG A 198 14.30 23.64 32.22
C ARG A 198 12.77 23.73 32.38
N ALA A 199 12.09 24.40 31.45
CA ALA A 199 10.64 24.53 31.52
C ALA A 199 9.91 23.45 30.72
N ALA A 200 10.38 23.21 29.50
CA ALA A 200 9.68 22.34 28.59
C ALA A 200 10.01 20.86 28.85
N ILE A 201 10.77 20.60 29.89
CA ILE A 201 11.15 19.22 30.19
C ILE A 201 9.94 18.36 30.49
N SER A 202 8.92 18.93 31.13
CA SER A 202 7.76 18.17 31.57
C SER A 202 6.99 17.66 30.37
N SER A 203 6.81 18.53 29.38
CA SER A 203 6.24 18.18 28.09
C SER A 203 7.14 17.29 27.22
N CYS A 204 8.43 17.57 27.22
CA CYS A 204 9.36 16.70 26.50
C CYS A 204 9.33 15.29 27.07
N GLU A 205 9.22 15.19 28.38
CA GLU A 205 9.18 13.88 29.00
C GLU A 205 7.92 13.13 28.59
N LEU A 206 6.82 13.86 28.43
CA LEU A 206 5.59 13.31 27.88
C LEU A 206 5.82 12.67 26.49
N LEU A 207 6.24 13.50 25.54
CA LEU A 207 6.46 13.06 24.18
C LEU A 207 7.46 11.92 24.10
N LEU A 208 8.52 11.98 24.89
CA LEU A 208 9.48 10.88 24.96
C LEU A 208 8.85 9.57 25.39
N SER A 209 8.09 9.59 26.49
CA SER A 209 7.63 8.34 27.09
C SER A 209 6.48 7.70 26.32
N GLU A 210 5.64 8.52 25.70
CA GLU A 210 4.57 8.01 24.86
C GLU A 210 5.09 7.25 23.63
N THR A 211 6.16 7.77 23.02
CA THR A 211 6.76 7.11 21.87
C THR A 211 7.57 5.89 22.32
N SER A 212 8.15 6.01 23.50
CA SER A 212 8.86 4.90 24.09
C SER A 212 7.87 3.79 24.31
N GLY A 213 6.67 4.15 24.79
CA GLY A 213 5.61 3.21 25.06
C GLY A 213 5.06 2.51 23.82
N THR A 214 4.78 3.30 22.78
CA THR A 214 4.32 2.76 21.51
C THR A 214 5.32 1.79 20.87
N LEU A 215 6.59 2.17 20.88
CA LEU A 215 7.62 1.39 20.22
C LEU A 215 7.82 0.09 20.96
N ARG A 216 7.83 0.15 22.28
CA ARG A 216 8.08 -1.03 23.08
C ARG A 216 6.95 -2.04 22.85
N GLU A 217 5.72 -1.54 22.80
CA GLU A 217 4.57 -2.39 22.75
C GLU A 217 4.50 -3.09 21.42
N LEU A 218 4.78 -2.34 20.38
CA LEU A 218 4.72 -2.90 19.06
C LEU A 218 5.79 -3.98 18.94
N GLN A 219 7.00 -3.72 19.44
CA GLN A 219 8.08 -4.70 19.39
C GLN A 219 7.81 -5.96 20.24
N ASP A 220 7.20 -5.77 21.41
CA ASP A 220 6.91 -6.89 22.29
C ASP A 220 5.93 -7.83 21.60
N THR A 221 4.99 -7.26 20.86
CA THR A 221 4.03 -8.04 20.09
C THR A 221 4.72 -8.78 18.95
N LEU A 222 5.55 -8.08 18.19
CA LEU A 222 6.28 -8.68 17.10
C LEU A 222 7.13 -9.84 17.60
N GLU A 223 7.92 -9.60 18.64
CA GLU A 223 8.88 -10.60 19.13
C GLU A 223 8.17 -11.83 19.69
N ALA A 224 6.96 -11.64 20.21
CA ALA A 224 6.07 -12.71 20.66
C ALA A 224 5.61 -13.67 19.56
N ALA A 225 5.62 -13.21 18.31
CA ALA A 225 5.13 -14.02 17.20
C ALA A 225 6.24 -14.56 16.31
N GLY A 226 7.39 -13.87 16.32
CA GLY A 226 8.42 -14.07 15.33
C GLY A 226 9.02 -15.46 15.30
N ASP A 227 9.26 -16.05 16.46
CA ASP A 227 9.96 -17.33 16.50
C ASP A 227 9.14 -18.48 15.91
N LYS A 228 7.82 -18.35 16.02
CA LYS A 228 6.88 -19.39 15.59
C LYS A 228 6.52 -19.19 14.12
N LEU A 229 6.47 -17.95 13.68
CA LEU A 229 6.31 -17.65 12.27
C LEU A 229 7.52 -18.15 11.51
N GLN A 230 8.68 -18.02 12.14
CA GLN A 230 9.95 -18.50 11.60
C GLN A 230 10.01 -20.02 11.49
N ALA A 231 9.67 -20.70 12.58
CA ALA A 231 9.59 -22.15 12.59
C ALA A 231 8.81 -22.69 11.38
N ASN A 232 7.65 -22.10 11.10
CA ASN A 232 6.76 -22.62 10.07
C ASN A 232 7.17 -22.24 8.66
N LEU A 233 7.79 -21.08 8.54
CA LEU A 233 8.47 -20.74 7.29
C LEU A 233 9.61 -21.73 7.02
N LEU A 234 10.34 -22.10 8.07
CA LEU A 234 11.35 -23.13 7.95
C LEU A 234 10.77 -24.48 7.47
N ARG A 235 9.66 -24.91 8.07
CA ARG A 235 9.02 -26.16 7.66
C ARG A 235 8.74 -26.18 6.15
N ILE A 236 8.26 -25.07 5.60
CA ILE A 236 7.92 -25.03 4.18
C ILE A 236 9.16 -25.18 3.31
N GLN A 237 10.21 -24.46 3.69
CA GLN A 237 11.54 -24.62 3.09
C GLN A 237 12.00 -26.09 3.13
N ASP A 238 11.87 -26.69 4.31
CA ASP A 238 12.14 -28.10 4.54
C ASP A 238 11.44 -29.01 3.54
N ALA A 239 10.14 -28.78 3.33
CA ALA A 239 9.34 -29.64 2.49
C ALA A 239 9.55 -29.42 0.98
N THR A 240 10.27 -28.36 0.62
CA THR A 240 10.62 -28.13 -0.79
C THR A 240 11.96 -28.73 -1.21
N MSE A 241 12.81 -29.06 -0.25
CA MSE A 241 14.11 -29.64 -0.61
C MSE A 241 14.07 -31.14 -0.92
O MSE A 241 14.97 -31.67 -1.57
CB MSE A 241 15.23 -29.25 0.37
CG MSE A 241 14.87 -29.20 1.84
SE MSE A 241 15.82 -30.51 2.98
CE MSE A 241 17.46 -30.88 1.88
N THR A 242 13.01 -31.82 -0.47
CA THR A 242 12.78 -33.21 -0.84
C THR A 242 12.05 -33.34 -2.20
N HIS A 243 11.64 -32.19 -2.73
CA HIS A 243 11.24 -32.03 -4.14
C HIS A 243 12.33 -31.20 -4.86
N ASP A 244 11.98 -30.52 -5.96
CA ASP A 244 13.00 -29.78 -6.73
C ASP A 244 12.45 -28.85 -7.82
N ASP A 245 11.21 -29.11 -8.25
CA ASP A 245 10.51 -28.21 -9.17
C ASP A 245 9.83 -27.05 -8.42
N LEU A 246 10.23 -26.83 -7.17
CA LEU A 246 9.64 -25.79 -6.34
C LEU A 246 10.65 -24.72 -5.95
N HIS A 247 11.41 -24.21 -6.93
CA HIS A 247 12.31 -23.09 -6.70
C HIS A 247 11.51 -21.82 -6.35
N PHE A 248 10.29 -21.73 -6.89
CA PHE A 248 9.48 -20.51 -6.81
C PHE A 248 8.75 -20.35 -5.48
N VAL A 249 8.50 -21.47 -4.80
CA VAL A 249 8.03 -21.44 -3.43
C VAL A 249 9.24 -21.20 -2.54
N ASP A 250 10.37 -21.83 -2.90
CA ASP A 250 11.62 -21.71 -2.14
C ASP A 250 12.07 -20.25 -2.01
N ARG A 251 12.06 -19.54 -3.13
CA ARG A 251 12.43 -18.14 -3.18
C ARG A 251 11.47 -17.28 -2.36
N LEU A 252 10.19 -17.62 -2.40
CA LEU A 252 9.21 -16.83 -1.67
C LEU A 252 9.38 -17.02 -0.17
N VAL A 253 9.66 -18.23 0.24
CA VAL A 253 9.96 -18.48 1.64
C VAL A 253 11.17 -17.66 2.04
N PHE A 254 12.22 -17.69 1.23
CA PHE A 254 13.44 -16.95 1.54
C PHE A 254 13.21 -15.41 1.73
N ASP A 255 12.38 -14.81 0.88
CA ASP A 255 12.03 -13.39 1.00
C ASP A 255 11.25 -13.08 2.27
N LEU A 256 10.28 -13.92 2.59
CA LEU A 256 9.43 -13.73 3.77
C LEU A 256 10.29 -13.89 5.02
N GLN A 257 11.21 -14.83 4.97
CA GLN A 257 12.14 -15.00 6.08
C GLN A 257 12.99 -13.74 6.26
N SER A 258 13.47 -13.19 5.15
CA SER A 258 14.30 -11.99 5.19
C SER A 258 13.52 -10.79 5.69
N LYS A 259 12.32 -10.59 5.16
CA LYS A 259 11.49 -9.45 5.51
C LYS A 259 11.13 -9.42 6.98
N LEU A 260 10.67 -10.54 7.50
CA LEU A 260 10.28 -10.62 8.91
C LEU A 260 11.46 -10.27 9.81
N ASP A 261 12.66 -10.69 9.42
CA ASP A 261 13.86 -10.40 10.17
C ASP A 261 14.26 -8.92 10.11
N ARG A 262 14.11 -8.30 8.94
CA ARG A 262 14.24 -6.85 8.83
C ARG A 262 13.32 -6.13 9.80
N ILE A 263 12.07 -6.58 9.89
CA ILE A 263 11.07 -5.94 10.74
C ILE A 263 11.37 -6.03 12.25
N ILE A 264 11.67 -7.25 12.74
CA ILE A 264 12.09 -7.43 14.12
C ILE A 264 13.37 -6.66 14.38
N SER A 265 14.30 -6.75 13.45
CA SER A 265 15.57 -6.09 13.64
C SER A 265 15.44 -4.59 13.67
N TRP A 266 14.75 -4.02 12.69
CA TRP A 266 14.53 -2.59 12.71
C TRP A 266 13.75 -2.20 13.96
N GLY A 267 12.79 -3.04 14.37
CA GLY A 267 12.08 -2.84 15.62
C GLY A 267 12.98 -2.52 16.80
N GLN A 268 14.01 -3.34 17.03
CA GLN A 268 15.02 -3.10 18.08
C GLN A 268 15.86 -1.85 17.81
N GLN A 269 16.33 -1.67 16.58
CA GLN A 269 17.09 -0.46 16.22
C GLN A 269 16.37 0.82 16.66
N SER A 270 15.06 0.90 16.43
CA SER A 270 14.30 2.09 16.77
C SER A 270 14.34 2.32 18.27
N ILE A 271 14.15 1.25 19.03
CA ILE A 271 14.15 1.37 20.48
C ILE A 271 15.52 1.90 20.94
N ASP A 272 16.59 1.26 20.51
CA ASP A 272 17.95 1.70 20.81
C ASP A 272 18.10 3.18 20.50
N LEU A 273 17.66 3.58 19.32
CA LEU A 273 17.81 4.94 18.87
C LEU A 273 17.02 5.88 19.76
N TRP A 274 15.85 5.43 20.20
CA TRP A 274 15.01 6.25 21.05
C TRP A 274 15.56 6.38 22.47
N ILE A 275 15.85 5.24 23.10
CA ILE A 275 16.62 5.22 24.34
C ILE A 275 17.89 6.09 24.24
N GLY A 276 18.54 6.07 23.08
CA GLY A 276 19.63 6.98 22.79
C GLY A 276 19.19 8.42 22.93
N TYR A 277 18.15 8.80 22.19
CA TYR A 277 17.66 10.17 22.21
C TYR A 277 17.20 10.60 23.60
N ASP A 278 16.55 9.71 24.34
CA ASP A 278 16.15 9.92 25.72
C ASP A 278 17.34 10.33 26.61
N ARG A 279 18.43 9.58 26.50
CA ARG A 279 19.68 9.85 27.20
C ARG A 279 20.22 11.22 26.84
N HIS A 280 20.11 11.55 25.55
CA HIS A 280 20.62 12.79 25.00
C HIS A 280 19.90 14.01 25.60
N VAL A 281 18.83 13.76 26.35
CA VAL A 281 18.10 14.85 27.03
C VAL A 281 17.83 14.51 28.51
N SER B 5 -18.24 18.78 -0.59
CA SER B 5 -18.37 19.99 -1.45
C SER B 5 -17.63 21.19 -0.86
N GLN B 6 -17.71 21.35 0.46
CA GLN B 6 -16.96 22.38 1.18
C GLN B 6 -15.82 21.76 1.99
N THR B 7 -15.71 20.43 1.89
CA THR B 7 -14.61 19.70 2.50
C THR B 7 -13.41 19.71 1.56
N VAL B 8 -13.69 19.52 0.26
CA VAL B 8 -12.63 19.40 -0.73
C VAL B 8 -11.90 20.72 -1.08
N PRO B 9 -12.49 21.87 -0.73
CA PRO B 9 -11.73 23.14 -0.69
C PRO B 9 -10.85 23.30 0.55
N GLU B 10 -11.28 22.81 1.70
CA GLU B 10 -10.41 22.80 2.89
C GLU B 10 -9.17 21.93 2.64
N LEU B 11 -9.37 20.85 1.89
CA LEU B 11 -8.28 19.98 1.42
C LEU B 11 -7.25 20.76 0.65
N VAL B 12 -7.72 21.53 -0.32
CA VAL B 12 -6.84 22.33 -1.16
C VAL B 12 -6.11 23.36 -0.32
N ALA B 13 -6.87 24.05 0.54
CA ALA B 13 -6.29 25.00 1.50
C ALA B 13 -5.12 24.35 2.20
N TRP B 14 -5.41 23.24 2.88
CA TRP B 14 -4.44 22.47 3.65
C TRP B 14 -3.22 22.09 2.80
N ALA B 15 -3.46 21.46 1.66
CA ALA B 15 -2.42 21.07 0.71
C ALA B 15 -1.58 22.28 0.30
N ARG B 16 -2.26 23.35 -0.09
CA ARG B 16 -1.63 24.61 -0.46
C ARG B 16 -0.83 25.20 0.69
N LYS B 17 -1.42 25.25 1.89
CA LYS B 17 -0.73 25.75 3.08
C LYS B 17 0.53 24.94 3.36
N ASN B 18 0.41 23.62 3.31
CA ASN B 18 1.52 22.72 3.62
C ASN B 18 2.59 22.64 2.53
N ASP B 19 2.31 23.27 1.39
CA ASP B 19 3.10 23.15 0.17
C ASP B 19 3.62 21.72 -0.08
N PHE B 20 2.68 20.83 -0.40
CA PHE B 20 2.97 19.43 -0.71
C PHE B 20 3.26 19.28 -2.18
N SER B 21 4.38 18.63 -2.51
CA SER B 21 4.70 18.33 -3.91
C SER B 21 5.70 17.20 -4.08
N ILE B 22 5.64 16.59 -5.25
CA ILE B 22 6.64 15.61 -5.65
C ILE B 22 7.26 15.95 -6.99
N SER B 23 8.58 15.95 -7.01
CA SER B 23 9.35 16.19 -8.19
C SER B 23 10.36 15.06 -8.38
N LEU B 24 10.06 14.19 -9.34
CA LEU B 24 10.97 13.09 -9.69
C LEU B 24 11.21 12.98 -11.21
N PRO B 25 12.13 13.78 -11.72
CA PRO B 25 12.59 13.62 -13.11
C PRO B 25 13.12 12.22 -13.25
N VAL B 26 13.44 11.80 -14.46
CA VAL B 26 13.69 10.40 -14.75
C VAL B 26 14.92 9.89 -13.95
N ASP B 27 15.90 10.77 -13.76
CA ASP B 27 17.13 10.42 -13.05
C ASP B 27 16.96 10.42 -11.52
N ARG B 28 15.97 11.16 -11.03
CA ARG B 28 15.68 11.17 -9.62
C ARG B 28 14.88 9.93 -9.28
N LEU B 29 13.92 9.62 -10.15
CA LEU B 29 13.10 8.45 -9.94
C LEU B 29 14.04 7.25 -9.91
N SER B 30 14.80 7.04 -10.97
CA SER B 30 15.69 5.89 -11.06
C SER B 30 16.58 5.76 -9.82
N PHE B 31 17.10 6.89 -9.35
CA PHE B 31 17.89 6.89 -8.12
C PHE B 31 17.06 6.31 -6.98
N LEU B 32 15.82 6.77 -6.89
CA LEU B 32 14.94 6.29 -5.87
C LEU B 32 14.60 4.83 -6.08
N LEU B 33 14.52 4.43 -7.35
CA LEU B 33 14.24 3.06 -7.73
C LEU B 33 15.38 2.15 -7.36
N ALA B 34 16.61 2.57 -7.66
CA ALA B 34 17.80 1.78 -7.34
C ALA B 34 17.99 1.64 -5.83
N VAL B 35 17.67 2.70 -5.08
CA VAL B 35 17.78 2.70 -3.62
C VAL B 35 16.81 1.68 -3.04
N ALA B 36 15.63 1.54 -3.65
CA ALA B 36 14.63 0.56 -3.23
C ALA B 36 15.11 -0.86 -3.51
N THR B 37 15.99 -1.00 -4.50
CA THR B 37 16.57 -2.27 -4.83
C THR B 37 17.51 -2.76 -3.73
N LEU B 38 18.15 -1.84 -3.02
CA LEU B 38 18.88 -2.21 -1.81
C LEU B 38 18.00 -2.36 -0.56
N ASN B 39 17.04 -1.44 -0.38
CA ASN B 39 16.00 -1.54 0.67
C ASN B 39 14.93 -2.56 0.24
N GLY B 40 15.34 -3.82 0.15
CA GLY B 40 14.51 -4.91 -0.33
C GLY B 40 15.38 -6.14 -0.55
N GLU B 41 16.69 -5.89 -0.53
CA GLU B 41 17.68 -6.85 -0.98
C GLU B 41 18.87 -6.73 0.00
N ARG B 42 18.72 -5.81 0.94
CA ARG B 42 19.70 -5.54 1.99
C ARG B 42 19.64 -6.64 3.05
N LEU B 43 20.81 -7.16 3.43
CA LEU B 43 20.89 -8.33 4.29
C LEU B 43 20.04 -8.18 5.56
N ASP B 44 20.53 -7.44 6.55
CA ASP B 44 19.69 -7.10 7.71
C ASP B 44 19.88 -5.66 8.20
N GLY B 45 21.10 -5.14 8.09
CA GLY B 45 21.38 -3.76 8.44
C GLY B 45 20.59 -2.82 7.57
N GLU B 46 20.35 -1.60 8.04
CA GLU B 46 19.68 -0.59 7.23
C GLU B 46 20.70 0.10 6.34
N MSE B 47 20.24 0.97 5.45
CA MSE B 47 21.11 1.60 4.44
C MSE B 47 21.94 2.79 4.93
O MSE B 47 21.39 3.77 5.43
CB MSE B 47 20.32 2.00 3.19
CG MSE B 47 19.30 0.96 2.73
SE MSE B 47 18.28 1.65 1.19
CE MSE B 47 19.85 2.28 0.20
N SER B 48 23.26 2.71 4.79
CA SER B 48 24.12 3.82 5.18
C SER B 48 24.16 4.92 4.12
N GLU B 49 24.72 6.07 4.48
CA GLU B 49 24.83 7.17 3.54
C GLU B 49 25.80 6.85 2.39
N GLY B 50 26.90 6.17 2.73
CA GLY B 50 27.83 5.68 1.74
C GLY B 50 27.22 4.71 0.75
N GLU B 51 26.29 3.89 1.23
CA GLU B 51 25.49 3.00 0.40
C GLU B 51 24.56 3.76 -0.55
N LEU B 52 23.86 4.76 -0.04
CA LEU B 52 23.04 5.61 -0.89
C LEU B 52 23.89 6.32 -1.94
N VAL B 53 25.06 6.83 -1.54
CA VAL B 53 25.97 7.50 -2.45
C VAL B 53 26.48 6.57 -3.56
N ASP B 54 26.64 5.29 -3.23
CA ASP B 54 27.13 4.31 -4.20
C ASP B 54 26.09 4.04 -5.25
N ALA B 55 24.83 4.06 -4.83
CA ALA B 55 23.75 3.78 -5.73
C ALA B 55 23.61 4.97 -6.64
N PHE B 56 23.76 6.16 -6.09
CA PHE B 56 23.79 7.37 -6.93
C PHE B 56 24.85 7.28 -8.00
N ARG B 57 26.00 6.70 -7.65
CA ARG B 57 27.09 6.61 -8.61
C ARG B 57 26.64 5.81 -9.82
N HIS B 58 25.99 4.69 -9.55
CA HIS B 58 25.56 3.83 -10.63
C HIS B 58 24.62 4.56 -11.58
N VAL B 59 23.55 5.17 -11.06
CA VAL B 59 22.62 5.88 -11.94
C VAL B 59 23.31 7.07 -12.61
N SER B 60 24.21 7.71 -11.86
CA SER B 60 25.04 8.80 -12.39
C SER B 60 25.88 8.32 -13.59
N ASP B 61 26.59 7.21 -13.42
CA ASP B 61 27.34 6.60 -14.53
C ASP B 61 26.42 6.20 -15.69
N ALA B 62 25.27 5.63 -15.35
CA ALA B 62 24.29 5.16 -16.33
C ALA B 62 23.67 6.27 -17.18
N PHE B 63 23.51 7.45 -16.58
CA PHE B 63 22.93 8.59 -17.28
C PHE B 63 23.95 9.47 -18.02
N GLU B 64 25.22 9.04 -17.99
CA GLU B 64 26.32 9.74 -18.68
C GLU B 64 26.80 11.00 -17.97
N GLN B 65 26.54 11.08 -16.68
CA GLN B 65 26.73 12.33 -15.94
C GLN B 65 28.15 12.53 -15.47
N THR B 66 28.59 13.78 -15.36
CA THR B 66 29.98 14.08 -15.02
C THR B 66 30.36 13.55 -13.65
N SER B 67 31.29 12.58 -13.67
CA SER B 67 31.76 11.85 -12.50
C SER B 67 32.34 12.77 -11.41
N GLU B 68 32.98 13.85 -11.84
CA GLU B 68 33.61 14.81 -10.94
C GLU B 68 32.66 15.39 -9.89
N THR B 69 31.38 15.53 -10.23
CA THR B 69 30.45 16.25 -9.36
C THR B 69 29.51 15.39 -8.52
N ILE B 70 29.73 14.07 -8.48
CA ILE B 70 28.86 13.14 -7.77
C ILE B 70 28.64 13.49 -6.30
N GLY B 71 29.70 13.47 -5.51
CA GLY B 71 29.59 13.78 -4.09
C GLY B 71 28.66 14.96 -3.84
N VAL B 72 28.88 16.04 -4.57
CA VAL B 72 28.05 17.22 -4.45
C VAL B 72 26.62 16.90 -4.84
N ARG B 73 26.47 16.20 -5.96
CA ARG B 73 25.16 15.98 -6.56
C ARG B 73 24.38 14.93 -5.81
N ALA B 74 25.11 13.96 -5.28
CA ALA B 74 24.50 12.86 -4.54
C ALA B 74 23.95 13.38 -3.23
N ASN B 75 24.71 14.25 -2.58
CA ASN B 75 24.25 14.89 -1.36
C ASN B 75 23.00 15.75 -1.59
N ASN B 76 22.93 16.39 -2.74
CA ASN B 76 21.78 17.18 -3.14
C ASN B 76 20.55 16.31 -3.37
N ALA B 77 20.71 15.22 -4.12
CA ALA B 77 19.63 14.24 -4.31
C ALA B 77 19.09 13.70 -2.98
N ILE B 78 19.97 13.19 -2.12
CA ILE B 78 19.56 12.66 -0.83
C ILE B 78 18.82 13.70 0.02
N ASN B 79 19.29 14.94 0.04
CA ASN B 79 18.58 15.99 0.73
C ASN B 79 17.19 16.30 0.13
N ASP B 80 17.10 16.34 -1.21
CA ASP B 80 15.82 16.47 -1.88
C ASP B 80 14.88 15.39 -1.39
N MSE B 81 15.40 14.18 -1.20
CA MSE B 81 14.58 13.01 -0.99
C MSE B 81 14.03 13.00 0.42
O MSE B 81 12.89 12.59 0.65
CB MSE B 81 15.40 11.74 -1.20
CG MSE B 81 16.02 11.62 -2.58
SE MSE B 81 14.71 11.25 -3.98
CE MSE B 81 15.48 9.56 -4.43
N VAL B 82 14.84 13.46 1.35
CA VAL B 82 14.39 13.69 2.72
C VAL B 82 13.32 14.76 2.77
N ARG B 83 13.61 15.91 2.17
CA ARG B 83 12.72 17.06 2.14
C ARG B 83 11.39 16.75 1.44
N GLN B 84 11.44 16.04 0.32
CA GLN B 84 10.23 15.58 -0.37
C GLN B 84 9.59 14.34 0.29
N ARG B 85 10.10 13.95 1.47
CA ARG B 85 9.49 12.92 2.30
C ARG B 85 9.50 11.52 1.70
N LEU B 86 10.46 11.24 0.82
CA LEU B 86 10.54 9.91 0.22
C LEU B 86 11.55 9.05 0.97
N LEU B 87 12.29 9.71 1.86
CA LEU B 87 13.42 9.09 2.52
C LEU B 87 13.56 9.68 3.93
N ASN B 88 13.94 8.85 4.90
CA ASN B 88 14.11 9.32 6.27
C ASN B 88 15.56 9.20 6.71
N ARG B 89 16.09 10.24 7.34
CA ARG B 89 17.47 10.24 7.85
C ARG B 89 17.47 10.07 9.37
N PHE B 90 18.11 9.02 9.86
CA PHE B 90 18.12 8.74 11.29
C PHE B 90 19.50 8.96 11.86
N THR B 91 19.55 9.51 13.08
CA THR B 91 20.80 9.72 13.79
C THR B 91 20.69 9.17 15.21
N ILE B 100 22.17 6.64 8.69
CA ILE B 100 21.35 5.65 7.99
C ILE B 100 19.94 6.11 7.51
N TYR B 101 19.43 5.39 6.52
CA TYR B 101 18.34 5.90 5.70
C TYR B 101 17.31 4.82 5.50
N ARG B 102 16.06 5.23 5.41
CA ARG B 102 14.96 4.33 5.18
C ARG B 102 13.94 5.03 4.33
N LEU B 103 13.38 4.31 3.35
CA LEU B 103 12.28 4.83 2.56
C LEU B 103 11.07 5.05 3.45
N THR B 104 10.34 6.13 3.22
CA THR B 104 9.09 6.39 3.91
C THR B 104 8.02 5.61 3.18
N PRO B 105 6.80 5.53 3.72
CA PRO B 105 5.70 4.89 2.98
C PRO B 105 5.48 5.55 1.61
N LEU B 106 5.68 6.85 1.53
CA LEU B 106 5.55 7.52 0.25
C LEU B 106 6.56 6.97 -0.72
N GLY B 107 7.83 6.90 -0.30
CA GLY B 107 8.89 6.30 -1.10
C GLY B 107 8.58 4.86 -1.48
N ILE B 108 8.09 4.08 -0.51
CA ILE B 108 7.78 2.68 -0.68
C ILE B 108 6.64 2.47 -1.66
N GLY B 109 5.60 3.28 -1.60
CA GLY B 109 4.49 3.07 -2.51
C GLY B 109 4.87 3.35 -3.96
N ILE B 110 5.62 4.43 -4.14
CA ILE B 110 6.03 4.88 -5.44
C ILE B 110 6.96 3.87 -6.11
N THR B 111 8.02 3.48 -5.41
CA THR B 111 8.98 2.49 -5.87
C THR B 111 8.34 1.14 -6.11
N ASP B 112 7.56 0.67 -5.15
CA ASP B 112 6.86 -0.60 -5.31
C ASP B 112 6.13 -0.61 -6.62
N TYR B 113 5.43 0.46 -6.93
CA TYR B 113 4.70 0.48 -8.17
C TYR B 113 5.56 0.04 -9.35
N TYR B 114 6.80 0.54 -9.37
CA TYR B 114 7.67 0.31 -10.50
C TYR B 114 8.39 -1.03 -10.46
N ILE B 115 9.16 -1.27 -9.40
CA ILE B 115 10.04 -2.44 -9.32
C ILE B 115 9.35 -3.70 -8.86
N ARG B 116 8.06 -3.58 -8.56
CA ARG B 116 7.35 -4.74 -8.08
C ARG B 116 6.76 -5.52 -9.22
N GLN B 117 6.59 -6.79 -8.91
CA GLN B 117 5.98 -7.75 -9.79
C GLN B 117 4.66 -8.13 -9.15
N ARG B 118 3.69 -7.23 -9.27
CA ARG B 118 2.36 -7.47 -8.75
C ARG B 118 1.56 -8.14 -9.84
N GLU B 119 1.59 -9.47 -9.85
CA GLU B 119 0.82 -10.16 -10.87
C GLU B 119 -0.57 -10.56 -10.37
N PHE B 120 -1.55 -10.31 -11.24
CA PHE B 120 -2.93 -10.60 -10.92
C PHE B 120 -3.36 -12.00 -11.37
N SER B 121 -3.96 -12.73 -10.44
CA SER B 121 -4.50 -14.06 -10.71
C SER B 121 -5.77 -14.14 -9.90
N THR B 122 -6.69 -15.01 -10.29
CA THR B 122 -7.96 -15.05 -9.60
C THR B 122 -7.73 -15.63 -8.24
N LEU B 123 -6.71 -16.47 -8.16
CA LEU B 123 -6.26 -17.06 -6.91
C LEU B 123 -6.04 -16.04 -5.79
N ARG B 124 -5.26 -15.01 -6.07
CA ARG B 124 -5.09 -13.92 -5.12
C ARG B 124 -6.43 -13.51 -4.54
N LEU B 125 -7.40 -13.27 -5.43
CA LEU B 125 -8.72 -12.85 -5.01
C LEU B 125 -9.40 -13.87 -4.13
N SER B 126 -9.36 -15.14 -4.53
CA SER B 126 -10.06 -16.20 -3.80
C SER B 126 -9.46 -16.37 -2.44
N MSE B 127 -8.13 -16.32 -2.40
CA MSE B 127 -7.36 -16.36 -1.17
C MSE B 127 -7.84 -15.29 -0.20
O MSE B 127 -8.16 -15.61 0.97
CB MSE B 127 -5.89 -16.10 -1.50
CG MSE B 127 -4.95 -16.61 -0.45
SE MSE B 127 -5.04 -18.55 -0.35
CE MSE B 127 -5.90 -18.74 1.45
N GLN B 128 -7.88 -14.04 -0.68
CA GLN B 128 -8.28 -12.89 0.15
C GLN B 128 -9.76 -13.01 0.53
N LEU B 129 -10.54 -13.50 -0.42
CA LEU B 129 -11.96 -13.70 -0.19
C LEU B 129 -12.29 -14.68 0.95
N SER B 130 -11.49 -15.73 1.13
CA SER B 130 -11.76 -16.73 2.16
C SER B 130 -11.39 -16.25 3.55
N ILE B 131 -10.18 -15.68 3.68
CA ILE B 131 -9.69 -15.23 4.97
C ILE B 131 -10.66 -14.26 5.65
N VAL B 132 -11.19 -13.30 4.88
CA VAL B 132 -12.18 -12.35 5.37
C VAL B 132 -13.47 -13.04 5.69
N ALA B 133 -13.87 -13.99 4.85
CA ALA B 133 -15.05 -14.81 5.17
C ALA B 133 -14.93 -15.34 6.60
N GLY B 134 -13.81 -15.99 6.88
CA GLY B 134 -13.51 -16.52 8.19
C GLY B 134 -13.54 -15.49 9.32
N GLU B 135 -12.89 -14.35 9.13
CA GLU B 135 -12.87 -13.34 10.20
C GLU B 135 -14.25 -12.70 10.39
N LEU B 136 -15.09 -12.85 9.38
CA LEU B 136 -16.39 -12.23 9.38
C LEU B 136 -17.41 -13.13 10.03
N LYS B 137 -17.43 -14.39 9.61
CA LYS B 137 -18.29 -15.40 10.21
C LYS B 137 -18.02 -15.48 11.72
N ARG B 138 -16.76 -15.27 12.10
CA ARG B 138 -16.36 -15.36 13.49
C ARG B 138 -16.91 -14.18 14.28
N ALA B 139 -16.66 -12.98 13.78
CA ALA B 139 -17.18 -11.76 14.39
C ALA B 139 -18.69 -11.84 14.55
N ALA B 140 -19.37 -12.38 13.54
CA ALA B 140 -20.81 -12.52 13.55
C ALA B 140 -21.28 -13.45 14.65
N ASP B 141 -20.63 -14.61 14.77
CA ASP B 141 -20.88 -15.51 15.88
C ASP B 141 -20.66 -14.79 17.20
N ALA B 142 -19.52 -14.11 17.30
CA ALA B 142 -19.19 -13.31 18.48
C ALA B 142 -20.32 -12.36 18.91
N ALA B 143 -20.88 -11.63 17.95
CA ALA B 143 -21.88 -10.60 18.24
C ALA B 143 -23.25 -11.17 18.54
N GLU B 144 -23.53 -12.36 18.03
CA GLU B 144 -24.82 -12.99 18.30
C GLU B 144 -24.97 -13.37 19.76
N GLU B 145 -23.87 -13.76 20.41
CA GLU B 145 -23.91 -14.09 21.83
C GLU B 145 -23.10 -13.12 22.71
N GLY B 146 -23.72 -11.98 23.00
CA GLY B 146 -23.02 -10.78 23.44
C GLY B 146 -22.13 -10.87 24.67
N GLY B 147 -21.92 -9.72 25.30
CA GLY B 147 -21.15 -9.63 26.51
C GLY B 147 -20.91 -8.20 26.97
N ASP B 148 -19.87 -8.02 27.77
CA ASP B 148 -19.44 -6.70 28.23
C ASP B 148 -18.80 -5.90 27.09
N GLU B 149 -18.48 -4.64 27.36
CA GLU B 149 -17.84 -3.80 26.36
C GLU B 149 -16.51 -4.40 25.90
N PHE B 150 -15.87 -5.17 26.78
CA PHE B 150 -14.61 -5.81 26.50
C PHE B 150 -14.74 -6.93 25.46
N HIS B 151 -15.86 -7.63 25.46
CA HIS B 151 -16.12 -8.67 24.45
C HIS B 151 -16.57 -8.07 23.13
N TRP B 152 -17.22 -6.91 23.19
CA TRP B 152 -17.60 -6.22 21.98
C TRP B 152 -16.39 -5.61 21.30
N HIS B 153 -15.57 -4.92 22.08
CA HIS B 153 -14.39 -4.25 21.56
C HIS B 153 -13.40 -5.23 20.93
N ARG B 154 -13.32 -6.44 21.49
CA ARG B 154 -12.28 -7.38 21.11
C ARG B 154 -12.70 -8.38 20.05
N ASN B 155 -13.96 -8.79 20.06
CA ASN B 155 -14.38 -9.91 19.20
C ASN B 155 -15.38 -9.51 18.12
N VAL B 156 -15.83 -8.26 18.15
CA VAL B 156 -16.67 -7.76 17.07
C VAL B 156 -16.26 -6.40 16.49
N TYR B 157 -15.90 -5.43 17.33
CA TYR B 157 -15.47 -4.12 16.80
C TYR B 157 -14.14 -4.22 16.11
N ALA B 158 -13.16 -4.76 16.83
CA ALA B 158 -11.78 -4.80 16.37
C ALA B 158 -11.63 -5.68 15.12
N PRO B 159 -12.11 -6.92 15.16
CA PRO B 159 -12.11 -7.78 13.98
C PRO B 159 -12.61 -7.04 12.74
N LEU B 160 -13.71 -6.31 12.91
CA LEU B 160 -14.31 -5.57 11.82
C LEU B 160 -13.40 -4.44 11.35
N LYS B 161 -12.90 -3.67 12.31
CA LYS B 161 -12.15 -2.44 12.04
C LYS B 161 -10.75 -2.68 11.49
N TYR B 162 -10.14 -3.80 11.87
CA TYR B 162 -8.71 -3.97 11.70
C TYR B 162 -8.36 -5.09 10.79
N SER B 163 -9.31 -5.97 10.53
CA SER B 163 -8.99 -7.08 9.68
C SER B 163 -10.00 -7.29 8.57
N VAL B 164 -11.27 -7.03 8.82
CA VAL B 164 -12.23 -7.01 7.72
C VAL B 164 -11.93 -5.79 6.85
N ALA B 165 -11.88 -4.62 7.45
CA ALA B 165 -11.62 -3.40 6.70
C ALA B 165 -10.33 -3.53 5.88
N GLU B 166 -9.32 -4.15 6.46
CA GLU B 166 -8.02 -4.21 5.79
C GLU B 166 -8.00 -5.17 4.60
N ILE B 167 -8.79 -6.25 4.65
CA ILE B 167 -8.79 -7.17 3.50
C ILE B 167 -9.81 -6.78 2.41
N PHE B 168 -10.71 -5.87 2.75
CA PHE B 168 -11.52 -5.23 1.74
C PHE B 168 -10.70 -4.24 0.94
N ASP B 169 -9.68 -3.68 1.59
CA ASP B 169 -8.74 -2.75 0.97
C ASP B 169 -7.77 -3.52 0.08
N SER B 170 -7.44 -4.74 0.50
CA SER B 170 -6.59 -5.63 -0.24
C SER B 170 -7.27 -6.12 -1.51
N ILE B 171 -8.60 -6.22 -1.48
CA ILE B 171 -9.35 -6.72 -2.63
C ILE B 171 -9.61 -5.57 -3.59
N ASP B 172 -9.98 -4.43 -3.03
CA ASP B 172 -9.93 -3.17 -3.74
C ASP B 172 -8.61 -3.12 -4.51
N LEU B 173 -7.52 -3.47 -3.83
CA LEU B 173 -6.19 -3.40 -4.40
C LEU B 173 -6.02 -4.40 -5.53
N THR B 174 -6.52 -5.61 -5.33
CA THR B 174 -6.43 -6.66 -6.33
C THR B 174 -7.21 -6.27 -7.59
N GLN B 175 -8.41 -5.74 -7.41
CA GLN B 175 -9.16 -5.18 -8.51
C GLN B 175 -8.34 -4.19 -9.31
N ARG B 176 -7.69 -3.24 -8.64
CA ARG B 176 -6.89 -2.24 -9.36
C ARG B 176 -5.72 -2.85 -10.14
N LEU B 177 -5.18 -3.96 -9.63
CA LEU B 177 -4.12 -4.69 -10.31
C LEU B 177 -4.67 -5.28 -11.58
N MSE B 178 -5.96 -5.63 -11.54
CA MSE B 178 -6.69 -6.06 -12.72
C MSE B 178 -7.01 -4.91 -13.66
O MSE B 178 -7.12 -5.12 -14.87
CB MSE B 178 -7.97 -6.79 -12.36
CG MSE B 178 -8.78 -7.28 -13.59
SE MSE B 178 -7.90 -8.76 -14.56
CE MSE B 178 -7.82 -8.07 -16.42
N ASP B 179 -7.21 -3.72 -13.13
CA ASP B 179 -7.39 -2.55 -13.99
C ASP B 179 -6.11 -2.29 -14.76
N GLU B 180 -5.00 -2.45 -14.07
CA GLU B 180 -3.68 -2.24 -14.64
C GLU B 180 -3.43 -3.18 -15.79
N GLN B 181 -3.85 -4.43 -15.63
CA GLN B 181 -3.71 -5.46 -16.67
C GLN B 181 -4.51 -5.14 -17.93
N GLN B 182 -5.81 -4.93 -17.75
CA GLN B 182 -6.69 -4.44 -18.81
C GLN B 182 -5.97 -3.40 -19.65
N GLN B 183 -5.57 -2.31 -19.03
CA GLN B 183 -4.85 -1.24 -19.73
C GLN B 183 -3.64 -1.73 -20.50
N GLN B 184 -2.86 -2.62 -19.90
CA GLN B 184 -1.65 -3.13 -20.56
C GLN B 184 -1.99 -3.97 -21.78
N VAL B 185 -3.01 -4.82 -21.65
CA VAL B 185 -3.52 -5.56 -22.79
C VAL B 185 -3.98 -4.60 -23.89
N LYS B 186 -4.64 -3.50 -23.50
CA LYS B 186 -5.06 -2.48 -24.45
C LYS B 186 -3.84 -1.97 -25.21
N ASP B 187 -2.86 -1.53 -24.45
CA ASP B 187 -1.58 -1.07 -24.99
C ASP B 187 -0.91 -2.12 -25.88
N ASP B 188 -0.88 -3.35 -25.40
CA ASP B 188 -0.41 -4.51 -26.15
C ASP B 188 -1.18 -4.74 -27.47
N ILE B 189 -2.50 -4.70 -27.42
CA ILE B 189 -3.29 -4.88 -28.63
C ILE B 189 -3.08 -3.69 -29.55
N ALA B 190 -2.99 -2.50 -28.97
CA ALA B 190 -2.72 -1.30 -29.74
C ALA B 190 -1.37 -1.35 -30.45
N GLN B 191 -0.47 -2.21 -29.97
CA GLN B 191 0.80 -2.44 -30.65
C GLN B 191 0.59 -3.34 -31.84
N LEU B 192 -0.22 -4.39 -31.66
CA LEU B 192 -0.40 -5.42 -32.68
C LEU B 192 -1.32 -4.94 -33.82
N LEU B 193 -1.90 -3.76 -33.66
CA LEU B 193 -2.74 -3.13 -34.68
C LEU B 193 -1.98 -2.03 -35.42
N ASN B 194 -0.84 -1.62 -34.87
CA ASN B 194 0.01 -0.61 -35.49
C ASN B 194 0.97 -1.18 -36.54
N ILE B 201 -3.34 -9.37 -34.72
CA ILE B 201 -4.43 -9.97 -35.50
C ILE B 201 -5.00 -11.21 -34.80
N SER B 202 -4.44 -12.39 -35.11
CA SER B 202 -4.76 -13.60 -34.35
C SER B 202 -4.34 -13.53 -32.87
N SER B 203 -3.17 -12.95 -32.58
CA SER B 203 -2.74 -12.71 -31.20
C SER B 203 -3.67 -11.80 -30.44
N CYS B 204 -4.25 -10.81 -31.12
CA CYS B 204 -5.22 -9.90 -30.52
C CYS B 204 -6.50 -10.58 -30.12
N GLU B 205 -6.86 -11.67 -30.80
CA GLU B 205 -8.02 -12.44 -30.42
C GLU B 205 -7.71 -13.26 -29.17
N LEU B 206 -6.45 -13.70 -29.07
CA LEU B 206 -5.98 -14.37 -27.85
C LEU B 206 -6.01 -13.43 -26.63
N LEU B 207 -5.46 -12.22 -26.80
CA LEU B 207 -5.37 -11.30 -25.68
C LEU B 207 -6.76 -10.84 -25.27
N LEU B 208 -7.64 -10.68 -26.26
CA LEU B 208 -9.03 -10.31 -25.98
C LEU B 208 -9.72 -11.42 -25.24
N SER B 209 -9.63 -12.63 -25.79
CA SER B 209 -10.17 -13.83 -25.15
C SER B 209 -9.83 -13.95 -23.66
N GLU B 210 -8.56 -14.23 -23.35
CA GLU B 210 -8.19 -14.65 -22.00
C GLU B 210 -8.42 -13.56 -20.95
N THR B 211 -8.46 -12.30 -21.38
CA THR B 211 -8.82 -11.20 -20.49
C THR B 211 -10.29 -11.30 -20.10
N SER B 212 -11.18 -11.50 -21.07
CA SER B 212 -12.59 -11.72 -20.75
C SER B 212 -12.77 -12.88 -19.78
N GLY B 213 -12.12 -14.01 -20.08
CA GLY B 213 -12.16 -15.15 -19.20
C GLY B 213 -11.88 -14.79 -17.75
N THR B 214 -10.77 -14.07 -17.52
CA THR B 214 -10.35 -13.57 -16.19
C THR B 214 -11.38 -12.63 -15.52
N LEU B 215 -11.86 -11.65 -16.28
CA LEU B 215 -12.85 -10.71 -15.79
C LEU B 215 -14.13 -11.46 -15.41
N ARG B 216 -14.39 -12.53 -16.15
CA ARG B 216 -15.56 -13.36 -15.92
C ARG B 216 -15.32 -14.31 -14.74
N GLU B 217 -14.13 -14.90 -14.64
CA GLU B 217 -13.79 -15.71 -13.47
C GLU B 217 -13.82 -14.86 -12.21
N LEU B 218 -13.31 -13.63 -12.32
CA LEU B 218 -13.26 -12.67 -11.23
C LEU B 218 -14.64 -12.47 -10.60
N GLN B 219 -15.62 -12.10 -11.41
CA GLN B 219 -16.90 -11.72 -10.85
C GLN B 219 -17.72 -12.91 -10.38
N ASP B 220 -17.51 -14.07 -10.98
CA ASP B 220 -18.17 -15.28 -10.50
C ASP B 220 -17.78 -15.61 -9.07
N THR B 221 -16.48 -15.58 -8.79
CA THR B 221 -15.98 -15.93 -7.47
C THR B 221 -16.17 -14.80 -6.44
N LEU B 222 -16.08 -13.57 -6.92
CA LEU B 222 -16.51 -12.37 -6.18
C LEU B 222 -18.00 -12.43 -5.81
N GLU B 223 -18.85 -12.48 -6.84
CA GLU B 223 -20.29 -12.54 -6.63
C GLU B 223 -20.67 -13.72 -5.72
N ALA B 224 -20.08 -14.90 -5.99
CA ALA B 224 -20.37 -16.09 -5.20
C ALA B 224 -20.12 -15.86 -3.71
N ALA B 225 -18.91 -15.41 -3.37
CA ALA B 225 -18.56 -15.12 -1.98
C ALA B 225 -19.30 -13.89 -1.49
N GLY B 226 -19.55 -12.96 -2.42
CA GLY B 226 -20.18 -11.69 -2.11
C GLY B 226 -21.46 -11.86 -1.32
N ASP B 227 -22.28 -12.82 -1.72
CA ASP B 227 -23.54 -13.09 -1.04
C ASP B 227 -23.29 -13.54 0.38
N LYS B 228 -22.37 -14.50 0.53
CA LYS B 228 -22.02 -15.03 1.84
C LYS B 228 -21.48 -13.95 2.79
N LEU B 229 -20.58 -13.11 2.30
CA LEU B 229 -20.04 -12.02 3.12
C LEU B 229 -21.14 -11.10 3.58
N GLN B 230 -22.12 -10.93 2.71
CA GLN B 230 -23.14 -9.92 2.88
C GLN B 230 -24.06 -10.33 4.01
N ALA B 231 -24.42 -11.60 4.01
CA ALA B 231 -25.33 -12.15 5.01
C ALA B 231 -24.76 -12.01 6.42
N ASN B 232 -23.45 -12.16 6.55
CA ASN B 232 -22.80 -12.14 7.86
C ASN B 232 -22.63 -10.73 8.38
N LEU B 233 -22.49 -9.78 7.46
CA LEU B 233 -22.63 -8.38 7.77
C LEU B 233 -24.04 -8.15 8.30
N LEU B 234 -25.02 -8.69 7.57
CA LEU B 234 -26.43 -8.55 7.93
C LEU B 234 -26.74 -9.13 9.32
N ARG B 235 -26.18 -10.30 9.60
CA ARG B 235 -26.32 -10.93 10.91
C ARG B 235 -25.79 -10.05 12.03
N ILE B 236 -24.63 -9.45 11.81
CA ILE B 236 -23.97 -8.60 12.80
C ILE B 236 -24.74 -7.30 13.06
N GLN B 237 -25.44 -6.81 12.03
CA GLN B 237 -26.22 -5.59 12.13
C GLN B 237 -27.44 -5.82 13.03
N ASP B 238 -28.02 -7.00 12.90
CA ASP B 238 -29.24 -7.36 13.60
C ASP B 238 -29.05 -7.52 15.11
N ALA B 239 -27.84 -7.84 15.54
CA ALA B 239 -27.54 -7.89 16.97
C ALA B 239 -27.04 -6.54 17.51
N HIS B 243 -29.79 -2.44 20.74
CA HIS B 243 -28.76 -1.98 21.66
C HIS B 243 -28.32 -0.56 21.32
N ASP B 244 -28.31 0.31 22.32
CA ASP B 244 -27.69 1.63 22.19
C ASP B 244 -26.20 1.50 22.52
N ASP B 245 -25.46 2.61 22.42
CA ASP B 245 -24.03 2.62 22.76
C ASP B 245 -23.27 1.57 21.95
N LEU B 246 -23.81 1.22 20.79
CA LEU B 246 -23.19 0.26 19.88
C LEU B 246 -23.21 0.79 18.45
N HIS B 247 -23.57 2.07 18.32
CA HIS B 247 -23.63 2.74 17.02
C HIS B 247 -22.31 2.70 16.24
N PHE B 248 -21.18 2.80 16.93
CA PHE B 248 -19.89 2.81 16.23
C PHE B 248 -19.52 1.45 15.62
N VAL B 249 -20.26 0.42 16.02
CA VAL B 249 -20.22 -0.89 15.35
C VAL B 249 -21.13 -0.89 14.12
N ASP B 250 -22.29 -0.24 14.25
CA ASP B 250 -23.27 -0.10 13.18
C ASP B 250 -22.71 0.72 12.02
N ARG B 251 -22.08 1.84 12.34
CA ARG B 251 -21.44 2.68 11.34
C ARG B 251 -20.44 1.86 10.56
N LEU B 252 -19.54 1.18 11.26
CA LEU B 252 -18.51 0.37 10.66
C LEU B 252 -19.12 -0.59 9.65
N VAL B 253 -20.19 -1.26 10.06
CA VAL B 253 -20.85 -2.24 9.22
C VAL B 253 -21.44 -1.60 7.97
N PHE B 254 -22.03 -0.42 8.14
CA PHE B 254 -22.62 0.32 7.02
C PHE B 254 -21.66 0.55 5.86
N ASP B 255 -20.44 0.98 6.13
CA ASP B 255 -19.54 1.31 5.04
C ASP B 255 -18.63 0.15 4.63
N LEU B 256 -18.65 -0.93 5.39
CA LEU B 256 -18.06 -2.17 4.94
C LEU B 256 -18.94 -2.73 3.84
N GLN B 257 -20.24 -2.76 4.11
CA GLN B 257 -21.23 -3.06 3.08
C GLN B 257 -20.90 -2.28 1.83
N SER B 258 -21.07 -0.96 1.89
CA SER B 258 -20.94 -0.12 0.71
C SER B 258 -19.55 -0.14 0.08
N LYS B 259 -18.54 -0.58 0.83
CA LYS B 259 -17.22 -0.87 0.27
C LYS B 259 -17.28 -2.15 -0.56
N LEU B 260 -17.95 -3.17 -0.01
CA LEU B 260 -18.10 -4.46 -0.69
C LEU B 260 -18.88 -4.33 -1.99
N ASP B 261 -20.06 -3.70 -1.91
CA ASP B 261 -20.91 -3.42 -3.06
C ASP B 261 -20.18 -2.67 -4.17
N ARG B 262 -19.35 -1.70 -3.79
CA ARG B 262 -18.58 -0.93 -4.76
C ARG B 262 -17.64 -1.84 -5.52
N ILE B 263 -16.90 -2.69 -4.80
CA ILE B 263 -16.04 -3.69 -5.42
C ILE B 263 -16.82 -4.53 -6.45
N ILE B 264 -17.91 -5.14 -6.02
CA ILE B 264 -18.69 -6.02 -6.88
C ILE B 264 -19.19 -5.28 -8.11
N SER B 265 -19.73 -4.09 -7.87
CA SER B 265 -20.24 -3.24 -8.94
C SER B 265 -19.16 -2.88 -9.96
N TRP B 266 -17.97 -2.50 -9.50
CA TRP B 266 -16.85 -2.27 -10.43
C TRP B 266 -16.50 -3.58 -11.13
N GLY B 267 -16.62 -4.68 -10.37
CA GLY B 267 -16.47 -6.02 -10.91
C GLY B 267 -17.28 -6.23 -12.18
N GLN B 268 -18.61 -6.12 -12.07
CA GLN B 268 -19.50 -6.16 -13.23
C GLN B 268 -19.16 -5.06 -14.23
N GLN B 269 -19.00 -3.83 -13.74
CA GLN B 269 -18.68 -2.69 -14.61
C GLN B 269 -17.56 -2.99 -15.62
N SER B 270 -16.44 -3.53 -15.12
CA SER B 270 -15.28 -3.79 -15.98
C SER B 270 -15.54 -4.87 -17.03
N ILE B 271 -16.30 -5.90 -16.69
CA ILE B 271 -16.69 -6.91 -17.68
C ILE B 271 -17.51 -6.31 -18.83
N ASP B 272 -18.45 -5.44 -18.48
CA ASP B 272 -19.32 -4.86 -19.50
C ASP B 272 -18.55 -4.00 -20.49
N LEU B 273 -17.65 -3.17 -19.98
CA LEU B 273 -16.92 -2.26 -20.88
C LEU B 273 -15.81 -2.92 -21.64
N TRP B 274 -15.35 -4.08 -21.18
CA TRP B 274 -14.44 -4.89 -21.99
C TRP B 274 -15.13 -5.42 -23.23
N ILE B 275 -16.41 -5.79 -23.12
CA ILE B 275 -17.23 -6.15 -24.29
C ILE B 275 -17.34 -4.98 -25.25
N GLY B 276 -17.50 -3.77 -24.70
CA GLY B 276 -17.38 -2.55 -25.48
C GLY B 276 -16.08 -2.50 -26.25
N TYR B 277 -14.96 -2.80 -25.58
CA TYR B 277 -13.62 -2.79 -26.19
C TYR B 277 -13.40 -3.97 -27.14
N ASP B 278 -14.00 -5.11 -26.82
CA ASP B 278 -13.81 -6.35 -27.57
C ASP B 278 -14.38 -6.27 -28.99
N ARG B 279 -15.70 -6.06 -29.08
CA ARG B 279 -16.38 -5.99 -30.38
C ARG B 279 -15.92 -4.77 -31.20
N HIS B 280 -15.47 -3.73 -30.50
CA HIS B 280 -14.84 -2.55 -31.11
C HIS B 280 -13.68 -2.94 -32.03
N VAL B 281 -13.14 -4.14 -31.82
CA VAL B 281 -12.28 -4.80 -32.79
C VAL B 281 -12.77 -6.21 -33.09
#